data_3T69
#
_entry.id   3T69
#
_cell.length_a   62.398
_cell.length_b   109.741
_cell.length_c   121.134
_cell.angle_alpha   90.00
_cell.angle_beta   90.00
_cell.angle_gamma   90.00
#
_symmetry.space_group_name_H-M   'P 21 21 21'
#
loop_
_entity.id
_entity.type
_entity.pdbx_description
1 polymer 'Putative 2-dehydro-3-deoxygalactonokinase'
2 non-polymer 'SULFATE ION'
3 water water
#
_entity_poly.entity_id   1
_entity_poly.type   'polypeptide(L)'
_entity_poly.pdbx_seq_one_letter_code
;MVMTTAGYYAAVDWGTSSFRLWIIGEDGAVLAERRSAEGMTTAAKTGFHTILDGHLAAVSAPAHLPIIICGMAGARQGWK
EAGYIETPAALAEIAGRATAIPDVDRDIRILPGLAQRDRRHPDVMRGEETQLLGAAAHLGAGSHLVCMPGTHSKWVRLAD
DRVEGFSTFMTGELFDTIARHTILSHAVAEADTFAAGSAAFTDAVSRTRENPALATNLLFSVRAGQLLHGTAAADARAQL
SGTLIGLEIAGALAGSGSVDGVCLVGSGGLGTLYRTALESQGLNVRAVDADEAVRAGLSAAARAIWPLAENLYFQSHHHH
HHWSHPQFEK
;
_entity_poly.pdbx_strand_id   A,B
#
# COMPACT_ATOMS: atom_id res chain seq x y z
N TYR A 8 6.72 -17.99 41.41
CA TYR A 8 8.08 -17.40 41.22
C TYR A 8 8.51 -17.98 39.86
N TYR A 9 8.53 -17.14 38.83
CA TYR A 9 9.08 -17.46 37.52
C TYR A 9 9.48 -16.13 36.97
N ALA A 10 10.28 -16.13 35.91
CA ALA A 10 10.48 -14.98 35.07
C ALA A 10 9.44 -15.10 33.95
N ALA A 11 9.04 -13.97 33.41
CA ALA A 11 8.18 -13.95 32.26
C ALA A 11 8.82 -12.99 31.31
N VAL A 12 8.90 -13.40 30.04
CA VAL A 12 9.54 -12.60 29.01
C VAL A 12 8.68 -12.34 27.77
N ASP A 13 8.58 -11.08 27.41
CA ASP A 13 8.02 -10.72 26.13
C ASP A 13 9.20 -10.42 25.22
N TRP A 14 9.46 -11.34 24.29
CA TRP A 14 10.59 -11.17 23.35
C TRP A 14 10.00 -10.67 22.02
N GLY A 15 10.22 -9.39 21.73
CA GLY A 15 9.76 -8.79 20.49
C GLY A 15 10.82 -8.76 19.38
N THR A 16 10.47 -8.21 18.23
CA THR A 16 11.43 -8.28 17.16
C THR A 16 12.56 -7.27 17.34
N SER A 17 12.28 -6.16 18.03
CA SER A 17 13.34 -5.14 18.30
C SER A 17 13.52 -4.74 19.76
N SER A 18 12.72 -5.35 20.66
CA SER A 18 12.86 -5.10 22.08
C SER A 18 12.71 -6.34 22.99
N PHE A 19 12.97 -6.16 24.28
CA PHE A 19 12.97 -7.26 25.20
C PHE A 19 12.48 -6.77 26.57
N ARG A 20 11.47 -7.43 27.14
CA ARG A 20 10.96 -7.09 28.48
C ARG A 20 11.00 -8.33 29.39
N LEU A 21 11.42 -8.18 30.64
CA LEU A 21 11.37 -9.29 31.56
C LEU A 21 10.85 -8.84 32.91
N TRP A 22 10.11 -9.74 33.57
CA TRP A 22 9.54 -9.51 34.87
C TRP A 22 9.86 -10.71 35.78
N ILE A 23 10.37 -10.48 36.99
CA ILE A 23 10.42 -11.59 37.92
C ILE A 23 9.18 -11.48 38.74
N ILE A 24 8.38 -12.54 38.78
CA ILE A 24 7.14 -12.58 39.53
C ILE A 24 7.30 -13.44 40.78
N GLY A 25 6.91 -12.88 41.94
CA GLY A 25 6.98 -13.62 43.19
C GLY A 25 5.81 -14.54 43.41
N GLU A 26 6.01 -15.48 44.33
CA GLU A 26 5.02 -16.51 44.74
C GLU A 26 3.61 -15.92 44.89
N ASP A 27 3.49 -14.61 45.14
CA ASP A 27 2.18 -13.96 45.42
C ASP A 27 1.62 -13.11 44.28
N GLY A 28 2.28 -13.16 43.13
CA GLY A 28 1.83 -12.49 41.93
C GLY A 28 2.53 -11.18 41.69
N ALA A 29 3.25 -10.67 42.71
CA ALA A 29 3.87 -9.33 42.58
C ALA A 29 5.15 -9.36 41.69
N VAL A 30 5.31 -8.32 40.87
CA VAL A 30 6.56 -8.00 40.22
C VAL A 30 7.66 -7.64 41.23
N LEU A 31 8.68 -8.49 41.29
CA LEU A 31 9.81 -8.31 42.18
C LEU A 31 10.95 -7.56 41.49
N ALA A 32 10.98 -7.62 40.16
CA ALA A 32 12.03 -7.04 39.32
C ALA A 32 11.58 -6.95 37.84
N GLU A 33 12.21 -6.05 37.10
CA GLU A 33 11.78 -5.74 35.75
C GLU A 33 13.01 -5.34 34.95
N ARG A 34 13.15 -5.82 33.71
CA ARG A 34 14.24 -5.36 32.91
C ARG A 34 13.72 -5.10 31.51
N ARG A 35 14.36 -4.21 30.78
CA ARG A 35 13.80 -3.80 29.52
C ARG A 35 14.93 -3.32 28.62
N SER A 36 14.98 -3.77 27.37
CA SER A 36 16.11 -3.42 26.52
C SER A 36 15.75 -3.49 25.08
N ALA A 37 16.76 -3.26 24.25
CA ALA A 37 16.73 -3.27 22.79
C ALA A 37 17.16 -4.62 22.18
N GLU A 38 17.47 -5.60 23.03
CA GLU A 38 17.97 -6.85 22.50
C GLU A 38 16.76 -7.70 22.07
N GLY A 39 16.14 -7.35 20.95
CA GLY A 39 14.98 -8.05 20.46
C GLY A 39 15.39 -9.26 19.63
N MET A 40 14.47 -9.83 18.85
CA MET A 40 14.79 -10.99 18.02
C MET A 40 16.02 -10.73 17.12
N THR A 41 16.05 -9.60 16.44
CA THR A 41 17.09 -9.41 15.46
C THR A 41 18.52 -9.23 16.07
N THR A 42 18.64 -8.61 17.26
CA THR A 42 19.91 -8.55 17.97
C THR A 42 20.31 -9.95 18.52
N ALA A 43 19.34 -10.63 19.11
CA ALA A 43 19.61 -11.87 19.77
C ALA A 43 20.03 -12.95 18.81
N ALA A 44 19.53 -12.91 17.57
CA ALA A 44 19.94 -13.91 16.60
C ALA A 44 21.42 -13.72 16.17
N LYS A 45 21.99 -12.52 16.35
CA LYS A 45 23.43 -12.33 16.11
C LYS A 45 24.27 -12.69 17.35
N THR A 46 23.75 -12.41 18.54
CA THR A 46 24.60 -12.44 19.71
C THR A 46 24.24 -13.50 20.76
N GLY A 47 23.04 -14.08 20.62
CA GLY A 47 22.66 -15.28 21.36
C GLY A 47 21.58 -15.01 22.38
N PHE A 48 20.47 -15.73 22.24
CA PHE A 48 19.29 -15.61 23.10
C PHE A 48 19.58 -15.96 24.54
N HIS A 49 20.26 -17.08 24.72
CA HIS A 49 20.51 -17.66 26.01
C HIS A 49 21.42 -16.70 26.80
N THR A 50 22.33 -16.07 26.10
CA THR A 50 23.30 -15.20 26.74
C THR A 50 22.63 -13.91 27.16
N ILE A 51 21.87 -13.31 26.23
CA ILE A 51 21.05 -12.15 26.57
C ILE A 51 20.15 -12.44 27.80
N LEU A 52 19.46 -13.57 27.80
CA LEU A 52 18.66 -13.92 28.98
C LEU A 52 19.48 -14.08 30.27
N ASP A 53 20.56 -14.89 30.20
CA ASP A 53 21.43 -15.12 31.40
C ASP A 53 21.95 -13.78 31.94
N GLY A 54 22.21 -12.82 31.06
CA GLY A 54 22.52 -11.44 31.47
C GLY A 54 21.49 -10.80 32.38
N HIS A 55 20.21 -10.85 31.99
CA HIS A 55 19.17 -10.24 32.79
C HIS A 55 18.92 -11.02 34.11
N LEU A 56 18.85 -12.35 34.03
CA LEU A 56 18.73 -13.17 35.26
C LEU A 56 19.84 -12.88 36.23
N ALA A 57 21.11 -12.88 35.78
CA ALA A 57 22.22 -12.44 36.68
C ALA A 57 22.04 -11.02 37.21
N ALA A 58 21.68 -10.08 36.34
CA ALA A 58 21.56 -8.68 36.76
C ALA A 58 20.54 -8.45 37.91
N VAL A 59 19.54 -9.32 38.00
CA VAL A 59 18.59 -9.27 39.09
C VAL A 59 18.72 -10.45 40.05
N SER A 60 19.84 -11.18 40.00
CA SER A 60 20.04 -12.27 40.96
C SER A 60 18.88 -13.29 41.00
N ALA A 61 18.45 -13.76 39.84
CA ALA A 61 17.52 -14.86 39.80
C ALA A 61 18.20 -16.13 40.37
N PRO A 62 17.45 -16.97 41.10
CA PRO A 62 17.91 -18.33 41.44
C PRO A 62 18.19 -19.14 40.17
N ALA A 63 19.12 -20.11 40.20
CA ALA A 63 19.49 -20.85 38.98
C ALA A 63 18.37 -21.76 38.42
N HIS A 64 17.37 -22.08 39.25
CA HIS A 64 16.33 -22.99 38.83
C HIS A 64 14.99 -22.29 38.75
N LEU A 65 15.01 -20.97 38.67
CA LEU A 65 13.83 -20.19 38.41
C LEU A 65 13.34 -20.51 37.03
N PRO A 66 12.09 -20.92 36.94
CA PRO A 66 11.62 -21.29 35.59
C PRO A 66 11.20 -20.03 34.82
N ILE A 67 11.09 -20.17 33.50
CA ILE A 67 10.97 -19.01 32.65
C ILE A 67 10.02 -19.29 31.52
N ILE A 68 9.02 -18.41 31.39
CA ILE A 68 8.00 -18.52 30.38
C ILE A 68 8.23 -17.36 29.41
N ILE A 69 8.22 -17.67 28.11
CA ILE A 69 8.46 -16.66 27.09
C ILE A 69 7.36 -16.67 26.04
N CYS A 70 6.97 -15.50 25.53
CA CYS A 70 6.10 -15.46 24.32
C CYS A 70 6.74 -14.61 23.24
N GLY A 71 6.26 -14.73 21.98
CA GLY A 71 6.74 -13.82 20.92
C GLY A 71 7.81 -14.34 19.98
N MET A 72 8.66 -13.46 19.49
CA MET A 72 9.50 -13.84 18.33
C MET A 72 10.74 -14.73 18.69
N ALA A 73 11.01 -14.87 19.98
CA ALA A 73 11.99 -15.86 20.40
C ALA A 73 11.56 -17.25 19.84
N GLY A 74 10.28 -17.39 19.45
CA GLY A 74 9.71 -18.66 18.98
C GLY A 74 9.46 -18.74 17.47
N ALA A 75 9.85 -17.70 16.73
CA ALA A 75 9.81 -17.70 15.27
C ALA A 75 10.96 -18.55 14.65
N ARG A 76 10.79 -18.90 13.39
CA ARG A 76 11.81 -19.61 12.62
C ARG A 76 13.14 -18.88 12.74
N GLN A 77 13.16 -17.56 12.74
CA GLN A 77 14.46 -16.88 12.85
C GLN A 77 14.90 -16.65 14.31
N GLY A 78 14.18 -17.23 15.28
CA GLY A 78 14.39 -16.96 16.71
C GLY A 78 15.23 -17.98 17.46
N TRP A 79 14.97 -18.16 18.74
CA TRP A 79 15.77 -19.03 19.59
C TRP A 79 15.51 -20.54 19.26
N LYS A 80 14.24 -20.87 19.03
CA LYS A 80 13.78 -22.23 18.83
C LYS A 80 12.34 -22.15 18.36
N GLU A 81 12.05 -22.74 17.21
CA GLU A 81 10.71 -22.73 16.68
C GLU A 81 9.70 -23.23 17.67
N ALA A 82 8.64 -22.44 17.88
CA ALA A 82 7.55 -22.86 18.74
C ALA A 82 6.32 -23.25 17.95
N GLY A 83 6.27 -22.91 16.66
CA GLY A 83 5.19 -23.31 15.78
C GLY A 83 3.88 -22.65 16.13
N TYR A 84 2.80 -23.27 15.68
CA TYR A 84 1.48 -22.72 15.85
C TYR A 84 0.55 -23.79 16.34
N ILE A 85 -0.55 -23.33 16.90
CA ILE A 85 -1.72 -24.14 17.16
C ILE A 85 -2.79 -23.69 16.18
N GLU A 86 -3.48 -24.66 15.61
CA GLU A 86 -4.50 -24.38 14.62
C GLU A 86 -5.77 -23.96 15.26
N THR A 87 -6.36 -22.91 14.75
CA THR A 87 -7.64 -22.44 15.22
C THR A 87 -8.70 -23.22 14.47
N PRO A 88 -9.90 -23.37 15.06
CA PRO A 88 -10.35 -22.95 16.38
C PRO A 88 -9.52 -23.62 17.44
N ALA A 89 -9.36 -22.96 18.60
CA ALA A 89 -8.56 -23.50 19.71
C ALA A 89 -8.91 -22.81 21.05
N ALA A 90 -9.20 -23.61 22.07
CA ALA A 90 -9.30 -23.10 23.43
C ALA A 90 -8.03 -22.27 23.75
N LEU A 91 -8.21 -21.06 24.29
CA LEU A 91 -7.10 -20.31 24.98
C LEU A 91 -6.20 -21.13 25.90
N ALA A 92 -6.76 -22.07 26.67
CA ALA A 92 -5.98 -22.95 27.55
C ALA A 92 -5.05 -23.94 26.82
N GLU A 93 -5.17 -24.08 25.51
CA GLU A 93 -4.29 -25.04 24.85
C GLU A 93 -2.89 -24.44 24.82
N ILE A 94 -2.81 -23.12 24.77
CA ILE A 94 -1.55 -22.44 24.51
C ILE A 94 -0.38 -22.91 25.41
N ALA A 95 -0.61 -22.90 26.74
CA ALA A 95 0.40 -23.18 27.79
C ALA A 95 0.91 -24.61 27.71
N GLY A 96 0.00 -25.51 27.37
CA GLY A 96 0.34 -26.91 27.27
C GLY A 96 1.13 -27.22 26.02
N ARG A 97 0.98 -26.41 24.97
CA ARG A 97 1.72 -26.71 23.72
C ARG A 97 3.01 -25.85 23.60
N ALA A 98 3.57 -25.44 24.74
CA ALA A 98 4.80 -24.65 24.72
C ALA A 98 6.10 -25.47 24.52
N THR A 99 7.07 -24.88 23.86
CA THR A 99 8.27 -25.58 23.55
C THR A 99 9.36 -25.29 24.61
N ALA A 100 10.03 -26.36 25.03
CA ALA A 100 11.12 -26.38 26.02
C ALA A 100 12.47 -26.15 25.34
N ILE A 101 13.34 -25.37 25.93
CA ILE A 101 14.71 -25.21 25.40
C ILE A 101 15.56 -26.37 25.92
N PRO A 102 16.18 -27.16 24.99
CA PRO A 102 16.60 -28.55 25.18
C PRO A 102 17.85 -28.91 25.96
N ASP A 103 18.83 -28.01 26.10
CA ASP A 103 20.11 -28.52 26.64
C ASP A 103 20.64 -27.58 27.74
N VAL A 104 19.74 -27.31 28.67
CA VAL A 104 19.98 -26.31 29.68
C VAL A 104 19.45 -26.87 31.00
N ASP A 105 19.78 -26.20 32.08
CA ASP A 105 19.52 -26.66 33.42
C ASP A 105 18.41 -25.86 34.08
N ARG A 106 17.54 -25.31 33.28
CA ARG A 106 16.45 -24.50 33.74
C ARG A 106 15.27 -24.84 32.88
N ASP A 107 14.07 -24.77 33.41
CA ASP A 107 12.90 -25.00 32.62
C ASP A 107 12.59 -23.69 31.93
N ILE A 108 12.79 -23.66 30.64
CA ILE A 108 12.59 -22.46 29.85
C ILE A 108 11.70 -22.92 28.74
N ARG A 109 10.55 -22.25 28.64
CA ARG A 109 9.55 -22.61 27.67
C ARG A 109 9.06 -21.43 26.83
N ILE A 110 8.75 -21.70 25.57
CA ILE A 110 8.28 -20.64 24.64
C ILE A 110 6.92 -20.99 24.13
N LEU A 111 6.00 -20.05 24.20
CA LEU A 111 4.65 -20.27 23.78
C LEU A 111 4.48 -20.14 22.26
N PRO A 112 3.58 -20.96 21.67
CA PRO A 112 3.42 -20.92 20.22
C PRO A 112 2.48 -19.80 19.79
N GLY A 113 2.52 -19.47 18.49
CA GLY A 113 1.56 -18.57 17.82
C GLY A 113 0.28 -19.33 17.54
N LEU A 114 -0.60 -18.72 16.80
CA LEU A 114 -1.83 -19.34 16.39
C LEU A 114 -1.84 -19.29 14.87
N ALA A 115 -2.43 -20.29 14.24
CA ALA A 115 -2.47 -20.28 12.78
C ALA A 115 -3.86 -20.66 12.29
N GLN A 116 -4.32 -19.95 11.29
CA GLN A 116 -5.58 -20.30 10.72
C GLN A 116 -5.19 -20.93 9.40
N ARG A 117 -5.32 -22.25 9.31
CA ARG A 117 -4.90 -22.96 8.12
C ARG A 117 -5.88 -22.82 6.91
N ASP A 118 -7.12 -22.34 7.11
CA ASP A 118 -8.06 -22.22 5.99
C ASP A 118 -7.43 -21.75 4.68
N ARG A 119 -7.57 -22.53 3.61
CA ARG A 119 -6.95 -22.16 2.32
C ARG A 119 -7.42 -20.84 1.70
N ARG A 120 -8.70 -20.51 1.77
CA ARG A 120 -9.10 -19.17 1.31
C ARG A 120 -8.73 -18.01 2.27
N HIS A 121 -8.44 -18.32 3.54
CA HIS A 121 -8.10 -17.28 4.53
C HIS A 121 -6.90 -17.61 5.39
N PRO A 122 -5.76 -17.89 4.76
CA PRO A 122 -4.67 -18.29 5.64
C PRO A 122 -4.27 -17.10 6.54
N ASP A 123 -3.91 -17.40 7.79
CA ASP A 123 -3.55 -16.32 8.72
C ASP A 123 -2.75 -16.77 9.91
N VAL A 124 -2.02 -15.84 10.50
CA VAL A 124 -0.95 -16.22 11.38
C VAL A 124 -0.71 -15.15 12.45
N MET A 125 -0.34 -15.56 13.66
CA MET A 125 -0.07 -14.58 14.74
C MET A 125 0.95 -15.19 15.67
N ARG A 126 1.88 -14.39 16.15
CA ARG A 126 2.86 -14.82 17.12
C ARG A 126 3.08 -13.70 18.14
N GLY A 127 2.68 -13.89 19.42
CA GLY A 127 2.72 -12.78 20.42
C GLY A 127 1.31 -12.42 20.90
N GLU A 128 0.49 -11.95 19.98
CA GLU A 128 -0.88 -11.57 20.26
C GLU A 128 -1.68 -12.64 20.97
N GLU A 129 -1.39 -13.92 20.70
CA GLU A 129 -2.12 -14.97 21.36
C GLU A 129 -1.98 -14.85 22.89
N THR A 130 -0.85 -14.30 23.37
CA THR A 130 -0.58 -14.30 24.77
C THR A 130 -1.25 -13.08 25.41
N GLN A 131 -1.28 -11.98 24.66
CA GLN A 131 -2.08 -10.84 25.02
C GLN A 131 -3.54 -11.33 25.12
N LEU A 132 -3.98 -12.20 24.19
CA LEU A 132 -5.39 -12.63 24.24
C LEU A 132 -5.64 -13.37 25.50
N LEU A 133 -4.68 -14.18 25.90
CA LEU A 133 -4.80 -15.00 27.08
C LEU A 133 -4.99 -14.07 28.33
N GLY A 134 -4.29 -12.92 28.36
CA GLY A 134 -4.40 -11.97 29.45
C GLY A 134 -5.66 -11.16 29.37
N ALA A 135 -6.06 -10.77 28.16
CA ALA A 135 -7.27 -9.98 27.98
C ALA A 135 -8.52 -10.76 28.30
N ALA A 136 -8.56 -12.03 27.91
CA ALA A 136 -9.80 -12.81 27.99
C ALA A 136 -10.22 -13.06 29.44
N ALA A 137 -9.25 -13.12 30.32
CA ALA A 137 -9.50 -13.26 31.75
C ALA A 137 -10.30 -12.07 32.27
N HIS A 138 -10.16 -10.91 31.66
CA HIS A 138 -10.97 -9.74 32.07
C HIS A 138 -12.38 -9.71 31.50
N LEU A 139 -12.65 -10.54 30.49
CA LEU A 139 -13.96 -10.55 29.84
C LEU A 139 -14.74 -11.84 30.25
N GLY A 140 -16.02 -11.93 29.90
CA GLY A 140 -16.74 -13.19 30.10
C GLY A 140 -16.31 -14.32 29.16
N ALA A 141 -16.97 -15.46 29.27
CA ALA A 141 -16.79 -16.52 28.30
C ALA A 141 -17.74 -16.39 27.14
N GLY A 142 -18.45 -15.27 27.07
CA GLY A 142 -19.37 -15.00 25.97
C GLY A 142 -18.63 -14.62 24.68
N SER A 143 -19.33 -13.93 23.80
CA SER A 143 -18.81 -13.65 22.46
C SER A 143 -18.06 -12.33 22.46
N HIS A 144 -16.88 -12.27 21.84
CA HIS A 144 -16.18 -10.98 21.72
C HIS A 144 -15.51 -10.82 20.38
N LEU A 145 -15.58 -9.61 19.83
CA LEU A 145 -14.77 -9.25 18.70
C LEU A 145 -13.67 -8.37 19.23
N VAL A 146 -12.42 -8.79 19.05
CA VAL A 146 -11.31 -8.11 19.67
C VAL A 146 -10.37 -7.49 18.63
N CYS A 147 -10.07 -6.21 18.79
CA CYS A 147 -9.16 -5.53 17.88
C CYS A 147 -7.74 -5.39 18.50
N MET A 148 -6.71 -5.88 17.82
CA MET A 148 -5.34 -5.77 18.37
C MET A 148 -4.39 -5.03 17.42
N PRO A 149 -4.34 -3.70 17.48
CA PRO A 149 -3.71 -2.93 16.44
C PRO A 149 -2.16 -2.93 16.50
N GLY A 150 -1.54 -2.55 15.37
CA GLY A 150 -0.09 -2.55 15.22
C GLY A 150 0.38 -2.47 13.77
N THR A 151 1.62 -2.87 13.55
CA THR A 151 2.15 -3.00 12.20
C THR A 151 1.22 -3.96 11.47
N HIS A 152 0.67 -4.94 12.18
CA HIS A 152 -0.36 -5.81 11.63
C HIS A 152 -1.50 -5.86 12.64
N SER A 153 -2.61 -5.17 12.42
CA SER A 153 -3.79 -5.30 13.32
C SER A 153 -4.44 -6.66 13.21
N LYS A 154 -4.73 -7.24 14.37
CA LYS A 154 -5.36 -8.54 14.40
C LYS A 154 -6.75 -8.34 14.91
N TRP A 155 -7.73 -8.92 14.21
CA TRP A 155 -9.11 -8.88 14.66
C TRP A 155 -9.50 -10.27 14.96
N VAL A 156 -9.91 -10.53 16.19
CA VAL A 156 -10.08 -11.92 16.65
C VAL A 156 -11.49 -12.14 17.15
N ARG A 157 -12.03 -13.31 16.87
CA ARG A 157 -13.36 -13.70 17.30
C ARG A 157 -13.19 -14.65 18.47
N LEU A 158 -13.56 -14.22 19.66
CA LEU A 158 -13.53 -15.10 20.85
C LEU A 158 -14.93 -15.58 21.21
N ALA A 159 -15.07 -16.86 21.50
CA ALA A 159 -16.30 -17.30 22.09
C ALA A 159 -15.97 -18.48 22.99
N ASP A 160 -16.52 -18.53 24.21
CA ASP A 160 -16.31 -19.66 25.10
C ASP A 160 -14.84 -19.83 25.43
N ASP A 161 -14.09 -18.74 25.37
CA ASP A 161 -12.67 -18.80 25.67
C ASP A 161 -11.90 -19.58 24.60
N ARG A 162 -12.46 -19.64 23.41
CA ARG A 162 -11.78 -20.24 22.29
C ARG A 162 -11.52 -19.15 21.33
N VAL A 163 -10.42 -19.21 20.61
CA VAL A 163 -10.23 -18.35 19.45
C VAL A 163 -10.85 -19.10 18.27
N GLU A 164 -11.92 -18.54 17.71
CA GLU A 164 -12.64 -19.18 16.59
C GLU A 164 -11.98 -18.94 15.19
N GLY A 165 -11.54 -17.71 14.96
CA GLY A 165 -10.75 -17.37 13.78
C GLY A 165 -10.29 -15.94 13.96
N PHE A 166 -9.53 -15.43 13.01
CA PHE A 166 -9.02 -14.08 13.08
C PHE A 166 -8.60 -13.54 11.69
N SER A 167 -8.48 -12.22 11.57
CA SER A 167 -8.02 -11.67 10.33
C SER A 167 -6.93 -10.66 10.62
N THR A 168 -5.78 -10.78 9.97
CA THR A 168 -4.79 -9.72 10.03
C THR A 168 -5.08 -8.69 8.96
N PHE A 169 -4.88 -7.42 9.29
CA PHE A 169 -4.88 -6.32 8.32
C PHE A 169 -3.56 -5.61 8.41
N MET A 170 -2.82 -5.50 7.30
CA MET A 170 -1.45 -4.91 7.37
C MET A 170 -1.37 -3.39 7.39
N THR A 171 -2.34 -2.77 8.07
CA THR A 171 -2.51 -1.32 8.04
C THR A 171 -1.27 -0.53 8.52
N GLY A 172 -0.66 -0.93 9.62
CA GLY A 172 0.53 -0.20 10.11
C GLY A 172 1.71 -0.29 9.16
N GLU A 173 1.90 -1.47 8.56
CA GLU A 173 3.04 -1.68 7.72
C GLU A 173 2.77 -0.87 6.47
N LEU A 174 1.53 -0.89 6.00
CA LEU A 174 1.16 -0.11 4.81
C LEU A 174 1.37 1.37 5.06
N PHE A 175 0.92 1.85 6.19
CA PHE A 175 1.15 3.25 6.53
C PHE A 175 2.63 3.62 6.41
N ASP A 176 3.48 2.78 6.97
CA ASP A 176 4.85 3.17 7.05
C ASP A 176 5.55 3.16 5.67
N THR A 177 5.13 2.24 4.79
CA THR A 177 5.73 2.17 3.45
C THR A 177 5.19 3.29 2.59
N ILE A 178 3.90 3.57 2.71
CA ILE A 178 3.33 4.59 1.86
C ILE A 178 3.88 5.94 2.24
N ALA A 179 4.09 6.16 3.54
CA ALA A 179 4.60 7.42 4.06
C ALA A 179 6.05 7.68 3.72
N ARG A 180 6.83 6.63 3.49
CA ARG A 180 8.26 6.81 3.31
C ARG A 180 8.74 6.48 1.89
N HIS A 181 7.96 5.70 1.16
CA HIS A 181 8.51 5.10 -0.05
C HIS A 181 7.67 5.38 -1.28
N THR A 182 6.68 6.25 -1.14
CA THR A 182 5.91 6.65 -2.30
C THR A 182 5.76 8.13 -2.40
N ILE A 183 5.10 8.58 -3.44
CA ILE A 183 4.89 10.00 -3.65
C ILE A 183 4.27 10.67 -2.41
N LEU A 184 3.55 9.91 -1.59
CA LEU A 184 2.83 10.50 -0.49
C LEU A 184 3.79 11.10 0.52
N SER A 185 5.03 10.61 0.56
CA SER A 185 6.04 11.15 1.46
C SER A 185 6.27 12.66 1.27
N HIS A 186 6.06 13.18 0.06
CA HIS A 186 6.17 14.63 -0.15
C HIS A 186 5.04 15.41 0.54
N ALA A 187 3.98 14.70 0.95
CA ALA A 187 2.88 15.33 1.63
C ALA A 187 2.92 15.11 3.14
N VAL A 188 3.57 14.06 3.63
CA VAL A 188 3.51 13.81 5.06
C VAL A 188 4.83 13.92 5.77
N ALA A 189 5.92 14.16 5.09
CA ALA A 189 7.24 14.19 5.73
C ALA A 189 7.48 15.30 6.71
N GLU A 190 6.92 16.45 6.44
CA GLU A 190 7.12 17.65 7.22
C GLU A 190 6.49 17.61 8.60
N ALA A 191 5.64 16.63 8.85
CA ALA A 191 4.94 16.52 10.10
C ALA A 191 5.32 15.30 10.91
N ASP A 192 5.53 15.46 12.20
CA ASP A 192 5.90 14.33 13.02
C ASP A 192 4.69 13.67 13.60
N THR A 193 3.69 14.46 13.92
CA THR A 193 2.50 13.94 14.59
C THR A 193 1.30 14.64 14.05
N PHE A 194 0.15 14.19 14.51
CA PHE A 194 -1.14 14.83 14.28
C PHE A 194 -2.02 14.47 15.47
N ALA A 195 -3.10 15.19 15.65
CA ALA A 195 -3.98 14.92 16.74
C ALA A 195 -5.11 14.00 16.32
N ALA A 196 -5.06 12.78 16.87
CA ALA A 196 -6.12 11.78 16.77
C ALA A 196 -7.53 12.36 16.76
N GLY A 197 -7.73 13.41 17.53
CA GLY A 197 -9.02 14.09 17.66
C GLY A 197 -9.43 14.93 16.48
N SER A 198 -8.46 15.30 15.64
CA SER A 198 -8.74 16.17 14.48
C SER A 198 -9.69 15.60 13.41
N ALA A 199 -10.34 16.49 12.66
CA ALA A 199 -11.25 16.11 11.59
C ALA A 199 -10.59 15.45 10.38
N ALA A 200 -9.44 15.96 9.98
CA ALA A 200 -8.60 15.29 8.98
C ALA A 200 -8.63 13.77 9.22
N PHE A 201 -8.31 13.35 10.45
CA PHE A 201 -8.33 11.91 10.76
C PHE A 201 -9.70 11.23 10.66
N THR A 202 -10.64 11.59 11.53
CA THR A 202 -11.95 10.93 11.48
C THR A 202 -12.76 11.11 10.20
N ASP A 203 -12.59 12.22 9.48
CA ASP A 203 -13.16 12.30 8.12
C ASP A 203 -12.62 11.24 7.21
N ALA A 204 -11.31 11.02 7.26
CA ALA A 204 -10.71 10.01 6.40
C ALA A 204 -11.24 8.63 6.79
N VAL A 205 -11.27 8.32 8.10
CA VAL A 205 -11.76 7.00 8.56
C VAL A 205 -13.15 6.78 8.01
N SER A 206 -13.96 7.83 7.97
CA SER A 206 -15.34 7.67 7.46
C SER A 206 -15.49 7.55 5.92
N ARG A 207 -14.65 8.25 5.15
CA ARG A 207 -14.70 8.23 3.70
C ARG A 207 -14.46 6.79 3.24
N THR A 208 -13.35 6.22 3.73
CA THR A 208 -12.91 4.87 3.37
C THR A 208 -13.75 3.79 3.99
N ARG A 209 -14.17 3.93 5.24
CA ARG A 209 -15.02 2.91 5.84
C ARG A 209 -16.29 2.80 5.00
N GLU A 210 -16.89 3.94 4.68
CA GLU A 210 -18.07 3.95 3.81
C GLU A 210 -17.79 3.65 2.32
N ASN A 211 -16.60 3.97 1.81
CA ASN A 211 -16.29 3.66 0.40
C ASN A 211 -15.02 2.90 0.23
N PRO A 212 -14.96 1.68 0.78
CA PRO A 212 -13.68 1.00 0.72
C PRO A 212 -13.18 0.83 -0.72
N ALA A 213 -14.08 0.55 -1.65
CA ALA A 213 -13.68 0.31 -3.04
C ALA A 213 -12.78 1.42 -3.57
N LEU A 214 -12.95 2.64 -3.06
CA LEU A 214 -12.12 3.75 -3.58
C LEU A 214 -10.72 3.90 -2.92
N ALA A 215 -10.37 3.00 -2.02
CA ALA A 215 -9.16 3.12 -1.19
C ALA A 215 -7.90 3.69 -1.83
N THR A 216 -7.53 3.15 -2.98
CA THR A 216 -6.30 3.56 -3.65
C THR A 216 -6.49 4.76 -4.55
N ASN A 217 -7.72 5.22 -4.68
CA ASN A 217 -7.98 6.55 -5.17
C ASN A 217 -7.86 7.54 -3.99
N LEU A 218 -8.46 7.19 -2.85
CA LEU A 218 -8.39 8.08 -1.68
C LEU A 218 -6.92 8.35 -1.22
N LEU A 219 -6.08 7.33 -1.34
CA LEU A 219 -4.69 7.49 -0.98
C LEU A 219 -4.06 8.52 -1.87
N PHE A 220 -4.35 8.45 -3.18
CA PHE A 220 -3.73 9.43 -4.08
C PHE A 220 -4.36 10.79 -3.81
N SER A 221 -5.58 10.83 -3.37
CA SER A 221 -6.14 12.12 -3.12
C SER A 221 -5.39 12.88 -2.06
N VAL A 222 -4.71 12.25 -1.13
CA VAL A 222 -3.97 13.02 -0.18
C VAL A 222 -2.87 13.81 -0.86
N ARG A 223 -2.20 13.25 -1.84
CA ARG A 223 -1.22 13.98 -2.63
C ARG A 223 -1.81 15.07 -3.51
N ALA A 224 -2.94 14.79 -4.12
CA ALA A 224 -3.61 15.74 -5.03
C ALA A 224 -4.14 16.91 -4.26
N GLY A 225 -4.80 16.63 -3.12
CA GLY A 225 -5.22 17.60 -2.12
C GLY A 225 -4.11 18.56 -1.74
N GLN A 226 -2.93 18.04 -1.44
CA GLN A 226 -1.79 18.88 -1.11
C GLN A 226 -1.38 19.77 -2.26
N LEU A 227 -1.16 19.19 -3.47
CA LEU A 227 -0.82 20.00 -4.66
C LEU A 227 -1.89 21.06 -5.00
N LEU A 228 -3.16 20.75 -4.91
CA LEU A 228 -4.13 21.71 -5.42
C LEU A 228 -4.71 22.63 -4.36
N HIS A 229 -4.58 22.27 -3.09
CA HIS A 229 -5.22 23.03 -2.05
C HIS A 229 -4.36 23.30 -0.86
N GLY A 230 -3.08 22.90 -0.91
CA GLY A 230 -2.16 23.14 0.21
C GLY A 230 -2.53 22.48 1.54
N THR A 231 -2.93 21.20 1.51
CA THR A 231 -3.18 20.48 2.75
C THR A 231 -1.93 20.54 3.62
N ALA A 232 -2.10 20.90 4.88
CA ALA A 232 -0.98 20.94 5.81
C ALA A 232 -0.42 19.51 6.01
N ALA A 233 0.86 19.38 6.18
CA ALA A 233 1.44 18.09 6.41
C ALA A 233 0.71 17.31 7.53
N ALA A 234 0.46 17.94 8.68
CA ALA A 234 -0.22 17.22 9.77
C ALA A 234 -1.54 16.64 9.34
N ASP A 235 -2.34 17.39 8.58
CA ASP A 235 -3.65 16.91 8.12
C ASP A 235 -3.46 15.84 7.01
N ALA A 236 -2.35 15.90 6.27
CA ALA A 236 -2.10 14.95 5.22
C ALA A 236 -1.74 13.60 5.90
N ARG A 237 -0.88 13.69 6.92
CA ARG A 237 -0.53 12.54 7.76
C ARG A 237 -1.76 11.92 8.38
N ALA A 238 -2.63 12.73 8.97
CA ALA A 238 -3.88 12.24 9.54
C ALA A 238 -4.72 11.50 8.48
N GLN A 239 -4.95 12.19 7.38
CA GLN A 239 -5.70 11.69 6.26
C GLN A 239 -5.20 10.30 5.75
N LEU A 240 -3.89 10.18 5.57
CA LEU A 240 -3.29 8.92 5.17
C LEU A 240 -3.64 7.85 6.18
N SER A 241 -3.49 8.23 7.43
CA SER A 241 -3.66 7.38 8.56
C SER A 241 -5.06 6.92 8.63
N GLY A 242 -5.99 7.84 8.74
CA GLY A 242 -7.44 7.57 8.65
C GLY A 242 -7.94 6.71 7.49
N THR A 243 -7.46 6.98 6.27
CA THR A 243 -7.80 6.16 5.13
C THR A 243 -7.49 4.69 5.39
N LEU A 244 -6.26 4.40 5.77
CA LEU A 244 -5.82 3.05 5.97
C LEU A 244 -6.56 2.37 7.13
N ILE A 245 -6.81 3.11 8.21
CA ILE A 245 -7.51 2.51 9.31
C ILE A 245 -9.01 2.37 9.00
N GLY A 246 -9.65 3.35 8.37
CA GLY A 246 -11.04 3.16 7.96
C GLY A 246 -11.25 1.95 7.05
N LEU A 247 -10.25 1.64 6.21
CA LEU A 247 -10.34 0.50 5.29
C LEU A 247 -10.25 -0.83 6.05
N GLU A 248 -9.30 -0.89 6.99
CA GLU A 248 -9.30 -1.92 8.05
C GLU A 248 -10.65 -2.10 8.76
N ILE A 249 -11.24 -1.03 9.25
CA ILE A 249 -12.50 -1.20 9.89
C ILE A 249 -13.56 -1.76 8.94
N ALA A 250 -13.74 -1.14 7.80
CA ALA A 250 -14.65 -1.71 6.79
C ALA A 250 -14.47 -3.22 6.67
N GLY A 251 -13.24 -3.67 6.50
CA GLY A 251 -12.99 -5.12 6.30
C GLY A 251 -13.34 -5.96 7.52
N ALA A 252 -13.01 -5.43 8.68
CA ALA A 252 -13.28 -6.08 9.95
C ALA A 252 -14.76 -6.29 10.16
N LEU A 253 -15.60 -5.44 9.59
CA LEU A 253 -17.01 -5.54 9.87
C LEU A 253 -17.83 -6.13 8.72
N ALA A 254 -17.18 -6.31 7.56
CA ALA A 254 -17.84 -6.86 6.38
C ALA A 254 -18.58 -8.15 6.78
N GLY A 255 -19.89 -8.19 6.53
CA GLY A 255 -20.80 -9.17 7.19
C GLY A 255 -20.40 -9.80 8.55
N SER A 256 -20.34 -8.99 9.61
CA SER A 256 -20.19 -9.49 11.01
C SER A 256 -21.54 -9.56 11.77
N GLY A 257 -22.64 -9.65 11.01
CA GLY A 257 -24.00 -9.38 11.51
C GLY A 257 -24.07 -7.93 12.00
N SER A 258 -24.88 -7.70 13.03
CA SER A 258 -24.73 -6.49 13.84
C SER A 258 -23.55 -6.78 14.78
N VAL A 259 -22.69 -5.78 14.97
CA VAL A 259 -21.63 -5.83 15.97
C VAL A 259 -21.63 -4.53 16.76
N ASP A 260 -21.83 -4.66 18.06
CA ASP A 260 -21.96 -3.55 19.00
C ASP A 260 -20.83 -2.54 19.32
N GLY A 261 -19.75 -2.89 20.01
CA GLY A 261 -19.39 -4.23 20.39
C GLY A 261 -17.97 -4.69 20.14
N VAL A 262 -17.00 -3.85 20.40
CA VAL A 262 -15.61 -4.20 20.21
C VAL A 262 -14.64 -4.01 21.39
N CYS A 263 -13.79 -4.98 21.65
CA CYS A 263 -12.77 -4.86 22.69
C CYS A 263 -11.44 -4.50 22.09
N LEU A 264 -10.84 -3.43 22.54
CA LEU A 264 -9.61 -2.91 21.97
C LEU A 264 -8.38 -3.12 22.86
N VAL A 265 -7.45 -3.98 22.43
CA VAL A 265 -6.18 -4.28 23.13
C VAL A 265 -5.02 -3.49 22.53
N GLY A 266 -4.54 -2.49 23.26
CA GLY A 266 -3.67 -1.47 22.74
C GLY A 266 -3.03 -0.61 23.84
N SER A 267 -2.19 0.34 23.45
CA SER A 267 -1.52 1.22 24.42
C SER A 267 -0.91 2.34 23.64
N GLY A 268 -0.49 3.36 24.38
CA GLY A 268 0.13 4.54 23.79
C GLY A 268 -0.84 5.32 22.89
N GLY A 269 -0.24 6.06 21.96
CA GLY A 269 -0.99 6.86 21.00
C GLY A 269 -1.72 5.98 20.01
N LEU A 270 -1.13 4.83 19.70
CA LEU A 270 -1.76 3.83 18.88
C LEU A 270 -3.15 3.49 19.37
N GLY A 271 -3.24 3.08 20.65
CA GLY A 271 -4.51 2.75 21.26
C GLY A 271 -5.51 3.89 21.17
N THR A 272 -5.04 5.13 21.14
CA THR A 272 -5.94 6.27 21.15
C THR A 272 -6.49 6.53 19.75
N LEU A 273 -5.57 6.43 18.79
CA LEU A 273 -5.90 6.51 17.37
C LEU A 273 -7.02 5.51 17.08
N TYR A 274 -6.89 4.28 17.53
CA TYR A 274 -7.88 3.28 17.11
C TYR A 274 -9.22 3.49 17.77
N ARG A 275 -9.19 3.94 19.03
CA ARG A 275 -10.36 4.09 19.82
C ARG A 275 -11.15 5.23 19.24
N THR A 276 -10.47 6.35 18.96
CA THR A 276 -11.08 7.46 18.25
C THR A 276 -11.70 6.97 16.94
N ALA A 277 -10.92 6.20 16.16
CA ALA A 277 -11.40 5.67 14.87
C ALA A 277 -12.68 4.86 15.05
N LEU A 278 -12.62 3.88 15.94
CA LEU A 278 -13.76 2.98 16.19
C LEU A 278 -15.00 3.68 16.74
N GLU A 279 -14.79 4.50 17.74
CA GLU A 279 -15.88 5.30 18.26
C GLU A 279 -16.45 6.26 17.22
N SER A 280 -15.60 6.79 16.32
CA SER A 280 -16.14 7.66 15.24
C SER A 280 -17.08 6.87 14.29
N GLN A 281 -16.96 5.55 14.25
CA GLN A 281 -17.82 4.78 13.39
C GLN A 281 -19.01 4.15 14.15
N GLY A 282 -19.28 4.67 15.35
CA GLY A 282 -20.42 4.23 16.19
C GLY A 282 -20.29 2.92 16.95
N LEU A 283 -19.06 2.52 17.33
CA LEU A 283 -18.84 1.25 18.04
C LEU A 283 -18.54 1.56 19.47
N ASN A 284 -19.04 0.78 20.43
CA ASN A 284 -18.55 0.90 21.81
C ASN A 284 -17.18 0.22 21.87
N VAL A 285 -16.33 0.80 22.69
CA VAL A 285 -15.00 0.28 22.90
C VAL A 285 -14.74 -0.11 24.37
N ARG A 286 -14.24 -1.32 24.56
CA ARG A 286 -13.73 -1.65 25.84
C ARG A 286 -12.20 -1.75 25.69
N ALA A 287 -11.49 -0.85 26.33
CA ALA A 287 -10.04 -0.77 26.28
C ALA A 287 -9.41 -1.81 27.18
N VAL A 288 -8.40 -2.53 26.71
CA VAL A 288 -7.58 -3.36 27.59
C VAL A 288 -6.14 -2.97 27.30
N ASP A 289 -5.35 -2.74 28.33
CA ASP A 289 -3.99 -2.23 28.13
C ASP A 289 -3.05 -3.37 27.60
N ALA A 290 -2.46 -3.13 26.44
CA ALA A 290 -1.73 -4.17 25.74
C ALA A 290 -0.59 -4.77 26.58
N ASP A 291 0.19 -3.94 27.25
CA ASP A 291 1.29 -4.41 28.11
C ASP A 291 0.82 -5.15 29.37
N GLU A 292 -0.21 -4.62 30.04
CA GLU A 292 -0.82 -5.37 31.16
C GLU A 292 -1.28 -6.75 30.70
N ALA A 293 -1.82 -6.83 29.49
CA ALA A 293 -2.32 -8.14 29.01
C ALA A 293 -1.23 -9.19 28.70
N VAL A 294 -0.07 -8.80 28.15
CA VAL A 294 1.00 -9.80 27.99
C VAL A 294 1.42 -10.42 29.27
N ARG A 295 1.69 -9.60 30.29
CA ARG A 295 2.13 -10.12 31.62
C ARG A 295 1.09 -11.07 32.18
N ALA A 296 -0.16 -10.64 32.12
CA ALA A 296 -1.23 -11.43 32.65
C ALA A 296 -1.37 -12.72 31.86
N GLY A 297 -1.22 -12.62 30.52
CA GLY A 297 -1.16 -13.81 29.67
C GLY A 297 0.04 -14.67 30.07
N LEU A 298 1.19 -14.05 30.25
CA LEU A 298 2.38 -14.82 30.58
C LEU A 298 2.20 -15.44 31.97
N SER A 299 1.55 -14.75 32.90
CA SER A 299 1.26 -15.31 34.25
C SER A 299 0.24 -16.42 34.27
N ALA A 300 -0.84 -16.30 33.49
CA ALA A 300 -1.76 -17.45 33.36
C ALA A 300 -1.04 -18.70 32.86
N ALA A 301 -0.07 -18.55 31.96
CA ALA A 301 0.56 -19.75 31.40
C ALA A 301 1.46 -20.39 32.43
N ALA A 302 2.28 -19.57 33.08
CA ALA A 302 3.12 -20.01 34.19
C ALA A 302 2.32 -20.69 35.27
N ARG A 303 1.19 -20.13 35.68
CA ARG A 303 0.39 -20.79 36.70
C ARG A 303 -0.15 -22.14 36.18
N ALA A 304 -0.42 -22.29 34.87
CA ALA A 304 -0.85 -23.60 34.35
C ALA A 304 0.32 -24.58 34.05
N ILE A 305 1.55 -24.12 33.90
CA ILE A 305 2.58 -25.12 33.68
C ILE A 305 3.35 -25.43 34.99
N TRP A 306 3.50 -24.43 35.85
CA TRP A 306 4.06 -24.62 37.19
C TRP A 306 3.07 -24.25 38.34
N PRO A 307 2.00 -25.04 38.50
CA PRO A 307 1.02 -24.73 39.53
C PRO A 307 1.64 -24.69 40.95
N LEU A 308 1.13 -23.77 41.76
CA LEU A 308 1.28 -23.83 43.22
C LEU A 308 0.10 -24.64 43.79
N TYR B 8 11.06 18.49 -38.90
CA TYR B 8 9.86 19.25 -38.38
C TYR B 8 9.87 19.54 -36.87
N TYR B 9 9.60 18.53 -36.04
CA TYR B 9 9.63 18.70 -34.58
C TYR B 9 10.19 17.48 -33.85
N ALA B 10 10.73 17.71 -32.64
CA ALA B 10 11.02 16.63 -31.70
C ALA B 10 9.81 16.51 -30.77
N ALA B 11 9.39 15.27 -30.49
CA ALA B 11 8.37 14.99 -29.52
C ALA B 11 9.03 14.22 -28.39
N VAL B 12 8.81 14.68 -27.15
CA VAL B 12 9.43 14.08 -25.97
C VAL B 12 8.35 13.79 -24.92
N ASP B 13 8.28 12.53 -24.47
CA ASP B 13 7.35 12.10 -23.42
C ASP B 13 8.15 11.75 -22.18
N TRP B 14 8.19 12.69 -21.24
CA TRP B 14 9.13 12.64 -20.14
C TRP B 14 8.37 12.25 -18.87
N GLY B 15 8.38 10.94 -18.62
CA GLY B 15 7.68 10.34 -17.49
C GLY B 15 8.51 10.36 -16.22
N THR B 16 7.91 9.87 -15.13
CA THR B 16 8.62 9.83 -13.86
C THR B 16 9.85 8.96 -13.97
N SER B 17 9.74 7.85 -14.72
CA SER B 17 10.79 6.80 -14.69
C SER B 17 11.40 6.46 -16.04
N SER B 18 10.95 7.16 -17.07
CA SER B 18 11.28 6.82 -18.43
C SER B 18 11.24 8.04 -19.36
N PHE B 19 12.15 8.04 -20.33
CA PHE B 19 12.28 9.09 -21.34
C PHE B 19 12.07 8.52 -22.73
N ARG B 20 11.19 9.11 -23.51
CA ARG B 20 11.00 8.73 -24.89
C ARG B 20 11.02 9.94 -25.83
N LEU B 21 11.67 9.79 -26.98
CA LEU B 21 11.74 10.83 -28.03
C LEU B 21 11.39 10.32 -29.44
N TRP B 22 10.79 11.17 -30.25
CA TRP B 22 10.49 10.91 -31.66
C TRP B 22 10.82 12.16 -32.48
N ILE B 23 11.55 12.01 -33.58
CA ILE B 23 11.84 13.11 -34.48
C ILE B 23 10.83 12.97 -35.60
N ILE B 24 10.19 14.05 -36.00
CA ILE B 24 9.10 13.96 -36.98
C ILE B 24 9.33 14.86 -38.22
N GLY B 25 8.92 14.38 -39.41
CA GLY B 25 9.04 15.18 -40.62
C GLY B 25 7.74 15.86 -41.02
N GLU B 26 7.84 16.89 -41.85
CA GLU B 26 6.67 17.56 -42.46
C GLU B 26 5.70 16.62 -43.26
N ASP B 27 6.24 15.48 -43.68
CA ASP B 27 5.50 14.37 -44.28
C ASP B 27 4.58 13.73 -43.24
N GLY B 28 4.98 13.79 -41.97
CA GLY B 28 4.26 13.15 -40.86
C GLY B 28 4.97 11.94 -40.26
N ALA B 29 6.01 11.44 -40.93
CA ALA B 29 6.68 10.20 -40.50
C ALA B 29 7.65 10.38 -39.34
N VAL B 30 7.77 9.35 -38.53
CA VAL B 30 8.91 9.22 -37.61
C VAL B 30 10.15 9.04 -38.44
N LEU B 31 11.19 9.81 -38.09
CA LEU B 31 12.53 9.77 -38.73
C LEU B 31 13.54 9.10 -37.80
N ALA B 32 13.43 9.31 -36.48
CA ALA B 32 14.28 8.62 -35.51
C ALA B 32 13.56 8.38 -34.15
N GLU B 33 14.26 7.80 -33.16
CA GLU B 33 13.69 7.40 -31.84
C GLU B 33 14.76 7.15 -30.77
N ARG B 34 14.45 7.48 -29.52
CA ARG B 34 15.32 7.18 -28.38
C ARG B 34 14.47 6.80 -27.15
N ARG B 35 14.96 5.78 -26.44
CA ARG B 35 14.35 5.33 -25.20
C ARG B 35 15.44 5.23 -24.12
N SER B 36 15.04 5.44 -22.88
CA SER B 36 15.90 5.16 -21.75
C SER B 36 15.06 5.25 -20.49
N ALA B 37 15.71 5.12 -19.34
CA ALA B 37 15.02 5.11 -18.05
C ALA B 37 15.35 6.36 -17.23
N GLU B 38 15.91 7.38 -17.87
CA GLU B 38 16.09 8.67 -17.16
C GLU B 38 14.78 9.49 -17.23
N GLY B 39 13.98 9.36 -16.18
CA GLY B 39 12.70 10.02 -16.11
C GLY B 39 12.91 11.28 -15.30
N MET B 40 11.81 11.92 -14.92
CA MET B 40 11.90 13.14 -14.09
C MET B 40 12.74 12.99 -12.80
N THR B 41 12.76 11.80 -12.17
CA THR B 41 13.52 11.71 -10.90
C THR B 41 15.02 11.70 -11.17
N THR B 42 15.46 10.85 -12.10
CA THR B 42 16.86 10.92 -12.48
C THR B 42 17.22 12.33 -12.99
N ALA B 43 16.42 12.88 -13.91
CA ALA B 43 16.72 14.19 -14.52
C ALA B 43 17.04 15.37 -13.58
N ALA B 44 16.43 15.39 -12.39
CA ALA B 44 16.70 16.47 -11.42
C ALA B 44 18.06 16.27 -10.76
N LYS B 45 18.71 15.14 -11.07
CA LYS B 45 20.11 14.96 -10.76
C LYS B 45 20.99 15.82 -11.66
N THR B 46 20.82 15.64 -12.97
CA THR B 46 21.66 16.29 -14.04
C THR B 46 21.08 17.60 -14.65
N PHE B 48 18.57 21.40 -16.53
CA PHE B 48 17.92 20.07 -16.71
C PHE B 48 18.05 19.57 -18.20
N HIS B 49 18.68 20.42 -18.99
CA HIS B 49 18.92 20.31 -20.43
C HIS B 49 19.73 19.16 -20.94
N THR B 50 20.67 18.72 -20.15
CA THR B 50 21.71 17.86 -20.61
C THR B 50 21.19 16.54 -21.18
N ILE B 51 20.20 15.96 -20.56
CA ILE B 51 19.67 14.73 -21.08
C ILE B 51 19.06 14.95 -22.44
N LEU B 52 18.36 16.05 -22.59
CA LEU B 52 17.72 16.41 -23.84
C LEU B 52 18.74 16.70 -24.96
N ASP B 53 19.87 17.33 -24.61
CA ASP B 53 20.89 17.64 -25.62
C ASP B 53 21.63 16.38 -26.11
N GLY B 54 21.92 15.47 -25.17
CA GLY B 54 22.51 14.16 -25.45
C GLY B 54 21.72 13.37 -26.48
N HIS B 55 20.45 13.13 -26.20
CA HIS B 55 19.58 12.43 -27.15
C HIS B 55 19.44 13.10 -28.51
N LEU B 56 19.53 14.44 -28.49
CA LEU B 56 19.45 15.24 -29.70
C LEU B 56 20.71 15.10 -30.52
N ALA B 57 21.87 15.14 -29.86
CA ALA B 57 23.14 14.92 -30.54
C ALA B 57 23.13 13.51 -31.18
N ALA B 58 22.82 12.52 -30.34
CA ALA B 58 22.75 11.15 -30.77
C ALA B 58 22.09 11.05 -32.14
N VAL B 59 20.84 11.51 -32.25
CA VAL B 59 20.06 11.33 -33.50
C VAL B 59 20.35 12.28 -34.68
N SER B 60 21.42 13.09 -34.58
CA SER B 60 21.71 14.09 -35.64
C SER B 60 20.49 15.05 -35.93
N ALA B 61 19.96 15.64 -34.85
CA ALA B 61 18.88 16.63 -34.94
C ALA B 61 19.40 17.98 -35.39
N PRO B 62 18.63 18.65 -36.26
CA PRO B 62 18.93 20.04 -36.59
C PRO B 62 19.00 20.84 -35.29
N ALA B 63 19.97 21.75 -35.21
CA ALA B 63 20.26 22.55 -34.01
C ALA B 63 19.13 23.49 -33.60
N HIS B 64 18.14 23.68 -34.46
CA HIS B 64 17.02 24.58 -34.17
C HIS B 64 15.67 23.88 -34.37
N LEU B 65 15.69 22.55 -34.30
CA LEU B 65 14.47 21.82 -34.42
C LEU B 65 13.82 22.08 -33.11
N PRO B 66 12.54 22.50 -33.13
CA PRO B 66 11.82 22.84 -31.90
C PRO B 66 11.48 21.56 -31.16
N ILE B 67 10.97 21.68 -29.93
CA ILE B 67 10.72 20.53 -29.03
C ILE B 67 9.42 20.71 -28.26
N ILE B 68 8.58 19.69 -28.34
CA ILE B 68 7.32 19.65 -27.63
C ILE B 68 7.38 18.47 -26.66
N ILE B 69 7.10 18.75 -25.39
CA ILE B 69 7.28 17.80 -24.31
C ILE B 69 6.07 17.74 -23.43
N CYS B 70 5.60 16.53 -23.16
CA CYS B 70 4.53 16.30 -22.23
C CYS B 70 5.07 15.52 -21.02
N GLY B 71 4.31 15.47 -19.93
CA GLY B 71 4.65 14.63 -18.78
C GLY B 71 5.26 15.35 -17.58
N MET B 72 5.89 14.56 -16.72
CA MET B 72 6.40 15.08 -15.46
C MET B 72 7.58 16.03 -15.67
N ALA B 73 7.97 16.28 -16.91
CA ALA B 73 9.01 17.31 -17.06
C ALA B 73 8.41 18.66 -16.54
N GLY B 74 7.07 18.71 -16.49
CA GLY B 74 6.35 19.92 -16.15
C GLY B 74 5.83 19.99 -14.72
N ALA B 75 6.22 19.05 -13.86
CA ALA B 75 5.86 19.12 -12.44
C ALA B 75 6.75 20.06 -11.68
N ARG B 76 6.26 20.52 -10.53
CA ARG B 76 7.06 21.33 -9.54
C ARG B 76 8.49 20.81 -9.31
N GLN B 77 8.65 19.49 -9.23
CA GLN B 77 9.93 18.83 -8.87
C GLN B 77 10.63 18.41 -10.16
N GLY B 78 10.40 19.19 -11.22
CA GLY B 78 10.84 18.84 -12.54
C GLY B 78 11.56 19.98 -13.20
N TRP B 79 11.53 19.99 -14.53
CA TRP B 79 12.20 21.02 -15.28
C TRP B 79 11.69 22.44 -15.02
N LYS B 80 10.41 22.65 -15.29
CA LYS B 80 9.77 23.92 -15.04
C LYS B 80 8.29 23.66 -14.86
N GLU B 81 7.66 24.28 -13.87
CA GLU B 81 6.27 24.02 -13.60
C GLU B 81 5.43 24.43 -14.84
N ALA B 82 4.80 23.47 -15.49
CA ALA B 82 3.83 23.75 -16.55
C ALA B 82 2.52 23.90 -15.79
N GLY B 83 1.43 24.30 -16.37
CA GLY B 83 0.32 24.45 -15.42
C GLY B 83 -0.55 23.23 -15.32
N TYR B 84 -1.84 23.48 -15.08
CA TYR B 84 -2.84 22.45 -15.18
C TYR B 84 -4.01 23.20 -15.76
N ILE B 85 -4.78 22.53 -16.59
CA ILE B 85 -6.00 23.11 -17.04
C ILE B 85 -7.01 22.33 -16.25
N GLU B 86 -8.00 23.06 -15.77
CA GLU B 86 -8.94 22.44 -14.91
C GLU B 86 -10.10 21.80 -15.71
N THR B 87 -10.68 20.75 -15.14
CA THR B 87 -11.67 19.95 -15.81
C THR B 87 -13.02 20.47 -15.38
N PRO B 88 -14.03 20.36 -16.23
CA PRO B 88 -13.97 19.80 -17.58
C PRO B 88 -13.12 20.73 -18.46
N ALA B 89 -12.40 20.12 -19.38
CA ALA B 89 -11.46 20.83 -20.17
C ALA B 89 -11.56 20.28 -21.55
N ALA B 90 -11.63 21.20 -22.51
CA ALA B 90 -11.59 20.80 -23.91
C ALA B 90 -10.14 20.44 -24.25
N LEU B 91 -9.92 19.23 -24.73
CA LEU B 91 -8.58 18.79 -25.19
C LEU B 91 -7.86 19.76 -26.11
N ALA B 92 -8.62 20.52 -26.90
CA ALA B 92 -8.04 21.47 -27.84
C ALA B 92 -7.43 22.71 -27.16
N GLU B 93 -7.68 22.89 -25.86
CA GLU B 93 -7.11 24.02 -25.10
C GLU B 93 -5.64 23.75 -24.76
N ILE B 94 -5.22 22.49 -24.76
CA ILE B 94 -3.92 22.12 -24.19
C ILE B 94 -2.73 22.82 -24.82
N ALA B 95 -2.55 22.65 -26.14
CA ALA B 95 -1.39 23.21 -26.88
C ALA B 95 -1.25 24.73 -26.66
N GLY B 96 -2.38 25.43 -26.61
CA GLY B 96 -2.37 26.87 -26.35
C GLY B 96 -1.85 27.26 -24.96
N ARG B 97 -2.00 26.38 -23.98
CA ARG B 97 -1.53 26.67 -22.63
C ARG B 97 -0.10 26.19 -22.30
N ALA B 98 0.66 25.75 -23.31
CA ALA B 98 2.01 25.25 -23.08
C ALA B 98 2.99 26.31 -22.54
N THR B 99 4.06 25.84 -21.92
CA THR B 99 4.96 26.70 -21.16
C THR B 99 6.37 26.64 -21.78
N ALA B 100 6.98 27.78 -22.06
CA ALA B 100 8.30 27.78 -22.70
C ALA B 100 9.38 27.43 -21.69
N ILE B 101 10.41 26.75 -22.19
CA ILE B 101 11.72 26.71 -21.54
C ILE B 101 12.64 27.64 -22.30
N PRO B 102 13.17 28.67 -21.62
CA PRO B 102 13.96 29.66 -22.36
C PRO B 102 15.14 28.98 -23.06
N ASP B 103 15.35 29.32 -24.32
CA ASP B 103 16.52 28.84 -25.05
C ASP B 103 16.66 29.69 -26.32
N VAL B 104 17.86 30.19 -26.59
CA VAL B 104 18.04 31.03 -27.77
C VAL B 104 18.04 30.14 -29.06
N ASP B 105 18.57 28.93 -28.93
CA ASP B 105 18.68 27.96 -30.03
C ASP B 105 17.46 27.21 -30.47
N ARG B 106 16.49 27.02 -29.57
CA ARG B 106 15.27 26.31 -29.92
C ARG B 106 14.10 26.67 -29.11
N ASP B 107 12.93 26.50 -29.75
CA ASP B 107 11.66 26.79 -29.17
C ASP B 107 11.17 25.52 -28.48
N ILE B 108 11.36 25.49 -27.17
CA ILE B 108 11.05 24.33 -26.32
C ILE B 108 9.83 24.68 -25.49
N ARG B 109 8.76 23.90 -25.66
CA ARG B 109 7.57 24.02 -24.83
C ARG B 109 7.24 22.72 -24.12
N ILE B 110 6.66 22.84 -22.93
CA ILE B 110 6.06 21.74 -22.17
C ILE B 110 4.55 21.96 -22.00
N LEU B 111 3.77 20.90 -22.27
CA LEU B 111 2.31 20.89 -22.08
C LEU B 111 1.81 20.82 -20.61
N PRO B 112 0.76 21.57 -20.33
CA PRO B 112 0.21 21.47 -18.99
C PRO B 112 -0.40 20.08 -18.73
N GLY B 113 -0.75 19.80 -17.47
CA GLY B 113 -1.56 18.63 -17.15
C GLY B 113 -3.02 19.03 -16.99
N LEU B 114 -3.85 18.11 -16.51
CA LEU B 114 -5.19 18.44 -16.05
C LEU B 114 -5.38 18.32 -14.52
N ALA B 115 -6.18 19.19 -13.94
CA ALA B 115 -6.52 19.08 -12.54
C ALA B 115 -8.03 19.04 -12.36
N GLN B 116 -8.46 18.11 -11.49
CA GLN B 116 -9.80 18.11 -11.00
C GLN B 116 -9.76 18.79 -9.64
N ARG B 117 -10.35 19.97 -9.55
CA ARG B 117 -10.24 20.81 -8.34
C ARG B 117 -11.25 20.50 -7.22
N ASP B 118 -12.30 19.77 -7.49
CA ASP B 118 -13.25 19.38 -6.46
C ASP B 118 -12.51 19.12 -5.13
N ARG B 119 -12.90 19.84 -4.07
CA ARG B 119 -12.29 19.60 -2.75
C ARG B 119 -12.50 18.20 -2.19
N ARG B 120 -13.68 17.63 -2.37
CA ARG B 120 -13.79 16.18 -2.32
C ARG B 120 -13.20 15.66 -3.68
N HIS B 121 -12.45 14.58 -3.71
CA HIS B 121 -12.00 14.14 -5.06
C HIS B 121 -11.02 15.06 -5.79
N PRO B 122 -10.09 15.73 -5.06
CA PRO B 122 -9.01 16.43 -5.81
C PRO B 122 -8.24 15.45 -6.67
N ASP B 123 -7.88 15.84 -7.88
CA ASP B 123 -7.12 14.93 -8.75
C ASP B 123 -6.25 15.57 -9.83
N VAL B 124 -5.27 14.82 -10.27
CA VAL B 124 -4.20 15.44 -11.01
C VAL B 124 -3.62 14.52 -12.07
N MET B 125 -3.22 15.07 -13.20
CA MET B 125 -2.70 14.23 -14.30
C MET B 125 -1.76 15.07 -15.08
N ARG B 126 -0.56 14.54 -15.27
CA ARG B 126 0.44 15.21 -16.05
C ARG B 126 1.02 14.22 -17.13
N GLY B 127 0.46 14.23 -18.35
CA GLY B 127 0.97 13.37 -19.47
C GLY B 127 -0.06 12.51 -20.21
N GLU B 128 -0.98 11.96 -19.43
CA GLU B 128 -2.12 11.21 -19.93
C GLU B 128 -3.08 12.15 -20.65
N GLU B 129 -2.97 13.45 -20.41
CA GLU B 129 -3.86 14.34 -21.16
C GLU B 129 -3.37 14.40 -22.62
N THR B 130 -2.08 14.20 -22.85
CA THR B 130 -1.58 14.21 -24.18
C THR B 130 -1.88 12.90 -24.97
N GLN B 131 -1.93 11.77 -24.26
CA GLN B 131 -2.43 10.56 -24.87
C GLN B 131 -3.92 10.73 -25.11
N LEU B 132 -4.57 11.60 -24.40
CA LEU B 132 -5.99 11.78 -24.69
C LEU B 132 -6.23 12.78 -25.81
N LEU B 133 -5.29 13.70 -25.99
CA LEU B 133 -5.37 14.62 -27.11
C LEU B 133 -5.25 13.75 -28.36
N GLY B 134 -4.25 12.88 -28.30
CA GLY B 134 -3.97 11.93 -29.34
C GLY B 134 -5.16 11.11 -29.78
N ALA B 135 -5.88 10.53 -28.84
CA ALA B 135 -6.78 9.45 -29.18
C ALA B 135 -8.25 9.83 -29.27
N ALA B 136 -8.61 11.03 -28.82
CA ALA B 136 -10.03 11.42 -28.80
C ALA B 136 -10.76 11.13 -30.12
N ALA B 137 -10.21 11.57 -31.23
CA ALA B 137 -10.88 11.36 -32.50
C ALA B 137 -11.04 9.90 -32.89
N HIS B 138 -9.99 9.13 -32.72
CA HIS B 138 -10.05 7.76 -33.12
C HIS B 138 -11.08 6.99 -32.34
N LEU B 139 -11.17 7.23 -31.05
CA LEU B 139 -12.00 6.40 -30.20
C LEU B 139 -13.39 6.52 -30.71
N GLY B 140 -13.79 7.72 -31.05
CA GLY B 140 -15.10 7.87 -31.66
C GLY B 140 -15.77 9.13 -31.19
N ALA B 141 -17.06 9.03 -30.88
CA ALA B 141 -17.84 10.20 -30.53
C ALA B 141 -18.85 9.87 -29.45
N GLY B 142 -19.16 10.90 -28.66
CA GLY B 142 -19.99 10.73 -27.47
C GLY B 142 -19.18 10.10 -26.35
N SER B 143 -19.90 9.67 -25.30
CA SER B 143 -19.30 9.29 -24.03
C SER B 143 -18.43 8.05 -24.06
N HIS B 144 -17.21 8.21 -23.58
CA HIS B 144 -16.32 7.07 -23.37
C HIS B 144 -15.86 7.04 -21.93
N LEU B 145 -15.41 5.87 -21.51
CA LEU B 145 -14.73 5.69 -20.24
C LEU B 145 -13.39 5.01 -20.50
N VAL B 146 -12.32 5.77 -20.35
CA VAL B 146 -11.00 5.30 -20.70
C VAL B 146 -10.18 5.00 -19.47
N CYS B 147 -9.55 3.84 -19.44
CA CYS B 147 -8.69 3.41 -18.35
C CYS B 147 -7.30 3.50 -18.82
N MET B 148 -6.45 4.20 -18.08
CA MET B 148 -5.06 4.39 -18.50
C MET B 148 -4.06 3.91 -17.44
N PRO B 149 -3.79 2.58 -17.38
CA PRO B 149 -2.94 1.95 -16.37
C PRO B 149 -1.56 2.54 -16.37
N GLY B 150 -0.72 2.15 -15.38
CA GLY B 150 0.69 2.61 -15.18
C GLY B 150 1.02 2.75 -13.67
N THR B 151 2.17 3.30 -13.29
CA THR B 151 2.41 3.67 -11.90
C THR B 151 1.16 4.25 -11.21
N HIS B 152 0.52 5.23 -11.86
CA HIS B 152 -0.72 5.82 -11.40
C HIS B 152 -1.78 5.55 -12.48
N SER B 153 -2.89 4.91 -12.16
CA SER B 153 -3.74 4.47 -13.23
C SER B 153 -4.88 5.45 -13.39
N LYS B 154 -5.08 6.00 -14.57
CA LYS B 154 -6.12 6.98 -14.69
C LYS B 154 -7.45 6.43 -15.25
N TRP B 155 -8.58 6.82 -14.66
CA TRP B 155 -9.89 6.47 -15.24
C TRP B 155 -10.64 7.74 -15.63
N VAL B 156 -10.89 7.92 -16.92
CA VAL B 156 -11.33 9.23 -17.47
C VAL B 156 -12.71 9.22 -18.17
N ARG B 157 -13.61 10.10 -17.76
CA ARG B 157 -14.86 10.25 -18.47
C ARG B 157 -14.62 11.27 -19.60
N LEU B 158 -14.58 10.77 -20.85
CA LEU B 158 -14.34 11.56 -22.07
C LEU B 158 -15.63 11.78 -22.90
N ALA B 159 -15.90 12.99 -23.30
CA ALA B 159 -17.03 13.23 -24.18
C ALA B 159 -16.78 14.34 -25.16
N ASP B 160 -16.81 14.07 -26.45
CA ASP B 160 -16.62 15.13 -27.42
C ASP B 160 -15.34 15.94 -27.33
N ASP B 161 -14.20 15.31 -27.19
CA ASP B 161 -12.98 16.08 -27.06
C ASP B 161 -13.05 16.92 -25.79
N ARG B 162 -13.70 16.37 -24.80
CA ARG B 162 -13.78 16.95 -23.45
C ARG B 162 -13.56 15.94 -22.30
N VAL B 163 -12.58 16.21 -21.45
CA VAL B 163 -12.48 15.48 -20.17
C VAL B 163 -13.47 16.05 -19.15
N GLU B 164 -14.43 15.23 -18.72
CA GLU B 164 -15.48 15.67 -17.80
C GLU B 164 -15.00 15.59 -16.36
N GLY B 165 -14.17 14.57 -16.11
CA GLY B 165 -13.66 14.27 -14.77
C GLY B 165 -12.75 13.06 -14.90
N PHE B 166 -12.04 12.76 -13.82
CA PHE B 166 -11.25 11.56 -13.76
C PHE B 166 -10.84 11.12 -12.35
N SER B 167 -10.25 9.92 -12.25
CA SER B 167 -9.86 9.33 -10.99
C SER B 167 -8.51 8.59 -11.06
N THR B 168 -7.53 9.00 -10.27
CA THR B 168 -6.31 8.22 -10.15
C THR B 168 -6.51 7.07 -9.18
N PHE B 169 -5.79 5.98 -9.41
CA PHE B 169 -5.66 4.88 -8.49
C PHE B 169 -4.20 4.58 -8.53
N MET B 170 -3.55 4.48 -7.38
CA MET B 170 -2.08 4.43 -7.37
C MET B 170 -1.56 3.00 -7.37
N THR B 171 -2.22 2.16 -8.17
CA THR B 171 -1.99 0.71 -8.12
C THR B 171 -0.57 0.33 -8.49
N GLY B 172 -0.01 0.91 -9.54
CA GLY B 172 1.37 0.56 -9.87
C GLY B 172 2.42 0.88 -8.83
N GLU B 173 2.36 2.07 -8.25
CA GLU B 173 3.30 2.51 -7.20
C GLU B 173 3.11 1.69 -5.91
N LEU B 174 1.86 1.33 -5.61
CA LEU B 174 1.58 0.42 -4.52
C LEU B 174 2.16 -0.94 -4.81
N PHE B 175 1.99 -1.45 -6.02
CA PHE B 175 2.58 -2.76 -6.31
C PHE B 175 4.08 -2.73 -6.04
N ASP B 176 4.76 -1.73 -6.59
CA ASP B 176 6.20 -1.60 -6.38
C ASP B 176 6.61 -1.47 -4.94
N THR B 177 5.99 -0.58 -4.19
CA THR B 177 6.53 -0.40 -2.84
C THR B 177 6.15 -1.55 -1.92
N ILE B 178 5.01 -2.17 -2.19
CA ILE B 178 4.61 -3.33 -1.42
C ILE B 178 5.57 -4.47 -1.75
N ALA B 179 5.84 -4.69 -3.04
CA ALA B 179 6.75 -5.75 -3.46
C ALA B 179 8.19 -5.58 -2.93
N ARG B 180 8.65 -4.33 -2.76
CA ARG B 180 10.06 -4.07 -2.34
C ARG B 180 10.28 -3.80 -0.85
N HIS B 181 9.31 -3.22 -0.16
CA HIS B 181 9.55 -2.70 1.18
C HIS B 181 8.69 -3.24 2.34
N THR B 182 7.73 -4.12 2.08
CA THR B 182 7.00 -4.76 3.15
C THR B 182 7.38 -6.22 3.30
N ILE B 183 6.86 -6.85 4.33
CA ILE B 183 7.12 -8.27 4.54
C ILE B 183 6.86 -9.11 3.28
N LEU B 184 5.96 -8.70 2.42
CA LEU B 184 5.63 -9.51 1.26
C LEU B 184 6.79 -9.68 0.26
N SER B 185 7.85 -8.89 0.41
CA SER B 185 9.01 -9.08 -0.43
C SER B 185 9.53 -10.52 -0.28
N HIS B 186 9.24 -11.12 0.87
CA HIS B 186 9.66 -12.48 1.17
C HIS B 186 8.86 -13.48 0.40
N ALA B 187 7.65 -13.12 0.03
CA ALA B 187 6.74 -13.97 -0.69
C ALA B 187 6.93 -13.92 -2.21
N VAL B 188 7.31 -12.76 -2.73
CA VAL B 188 7.36 -12.55 -4.19
C VAL B 188 8.76 -12.30 -4.80
N ALA B 189 9.73 -11.93 -3.95
CA ALA B 189 10.94 -11.22 -4.40
C ALA B 189 11.68 -11.96 -5.52
N GLU B 190 12.03 -13.21 -5.22
CA GLU B 190 12.85 -14.03 -6.12
C GLU B 190 12.12 -14.53 -7.39
N ALA B 191 10.90 -14.02 -7.65
CA ALA B 191 10.30 -14.08 -8.99
C ALA B 191 10.41 -12.69 -9.59
N ASP B 192 10.44 -12.59 -10.93
CA ASP B 192 10.43 -11.29 -11.61
C ASP B 192 9.15 -11.07 -12.42
N THR B 193 8.46 -12.16 -12.71
CA THR B 193 7.34 -12.14 -13.66
C THR B 193 6.28 -13.14 -13.26
N PHE B 194 5.16 -13.10 -13.97
CA PHE B 194 4.14 -14.10 -13.83
C PHE B 194 3.26 -14.03 -15.06
N ALA B 195 2.68 -15.17 -15.42
CA ALA B 195 1.86 -15.27 -16.63
C ALA B 195 0.46 -14.73 -16.38
N ALA B 196 0.13 -13.62 -17.04
CA ALA B 196 -1.20 -13.00 -17.00
C ALA B 196 -2.39 -13.97 -16.94
N GLY B 197 -2.24 -15.11 -17.60
CA GLY B 197 -3.33 -16.07 -17.73
C GLY B 197 -3.55 -16.89 -16.47
N SER B 198 -2.47 -17.06 -15.70
CA SER B 198 -2.47 -17.90 -14.48
C SER B 198 -3.68 -17.55 -13.65
N ALA B 199 -4.28 -18.59 -13.08
CA ALA B 199 -5.51 -18.46 -12.28
C ALA B 199 -5.22 -17.69 -10.98
N ALA B 200 -4.00 -17.83 -10.47
CA ALA B 200 -3.57 -17.04 -9.32
C ALA B 200 -3.99 -15.56 -9.54
N PHE B 201 -3.70 -15.02 -10.72
CA PHE B 201 -4.04 -13.64 -11.06
C PHE B 201 -5.52 -13.28 -11.10
N THR B 202 -6.34 -14.02 -11.85
CA THR B 202 -7.75 -13.62 -11.95
C THR B 202 -8.56 -13.98 -10.72
N ASP B 203 -8.11 -14.97 -9.95
CA ASP B 203 -8.73 -15.24 -8.64
C ASP B 203 -8.60 -14.00 -7.74
N ALA B 204 -7.36 -13.49 -7.62
CA ALA B 204 -7.03 -12.29 -6.84
C ALA B 204 -7.91 -11.11 -7.22
N VAL B 205 -7.98 -10.86 -8.53
CA VAL B 205 -8.81 -9.78 -9.10
C VAL B 205 -10.27 -9.97 -8.79
N SER B 206 -10.74 -11.20 -8.84
CA SER B 206 -12.15 -11.40 -8.57
C SER B 206 -12.46 -11.28 -7.06
N ARG B 207 -11.71 -11.96 -6.20
CA ARG B 207 -12.10 -11.90 -4.78
C ARG B 207 -11.96 -10.47 -4.27
N THR B 208 -10.97 -9.75 -4.77
CA THR B 208 -10.85 -8.32 -4.39
C THR B 208 -11.91 -7.40 -5.03
N ARG B 209 -12.25 -7.58 -6.32
CA ARG B 209 -13.29 -6.76 -6.97
C ARG B 209 -14.65 -6.97 -6.28
N GLU B 210 -14.88 -8.21 -5.86
CA GLU B 210 -16.06 -8.59 -5.06
C GLU B 210 -16.04 -8.13 -3.57
N ASN B 211 -14.86 -8.09 -2.94
CA ASN B 211 -14.76 -7.67 -1.53
C ASN B 211 -13.74 -6.56 -1.26
N PRO B 212 -13.89 -5.38 -1.88
CA PRO B 212 -12.96 -4.30 -1.62
C PRO B 212 -12.58 -4.09 -0.13
N ALA B 213 -13.56 -4.17 0.77
CA ALA B 213 -13.33 -3.98 2.22
C ALA B 213 -12.18 -4.77 2.81
N LEU B 214 -11.92 -5.94 2.22
CA LEU B 214 -10.95 -6.89 2.76
C LEU B 214 -9.57 -6.74 2.17
N ALA B 215 -9.38 -5.75 1.33
CA ALA B 215 -8.11 -5.60 0.61
C ALA B 215 -6.81 -5.79 1.43
N THR B 216 -6.72 -5.16 2.62
CA THR B 216 -5.46 -5.16 3.40
C THR B 216 -5.32 -6.43 4.25
N ASN B 217 -6.42 -7.18 4.35
CA ASN B 217 -6.36 -8.53 4.81
C ASN B 217 -5.84 -9.44 3.69
N LEU B 218 -6.52 -9.35 2.53
CA LEU B 218 -6.09 -10.14 1.33
C LEU B 218 -4.61 -10.00 1.06
N LEU B 219 -4.08 -8.79 1.17
CA LEU B 219 -2.66 -8.58 0.99
C LEU B 219 -1.84 -9.34 2.03
N PHE B 220 -2.31 -9.39 3.27
CA PHE B 220 -1.54 -10.11 4.25
C PHE B 220 -1.51 -11.59 3.93
N SER B 221 -2.58 -12.09 3.39
CA SER B 221 -2.72 -13.48 3.04
C SER B 221 -1.71 -13.95 2.04
N VAL B 222 -1.22 -13.11 1.16
CA VAL B 222 -0.22 -13.64 0.30
C VAL B 222 0.99 -14.07 1.13
N ARG B 223 1.39 -13.32 2.13
CA ARG B 223 2.45 -13.78 3.03
C ARG B 223 2.07 -14.90 3.98
N ALA B 224 0.85 -14.92 4.50
CA ALA B 224 0.46 -16.02 5.39
C ALA B 224 0.26 -17.31 4.60
N GLY B 225 -0.22 -17.16 3.34
CA GLY B 225 -0.29 -18.23 2.36
C GLY B 225 1.08 -18.84 2.14
N GLN B 226 2.09 -17.98 2.03
CA GLN B 226 3.42 -18.46 1.78
C GLN B 226 4.02 -19.13 3.00
N LEU B 227 3.68 -18.64 4.18
CA LEU B 227 4.12 -19.27 5.42
C LEU B 227 3.46 -20.63 5.73
N LEU B 228 2.14 -20.75 5.56
CA LEU B 228 1.42 -21.94 6.02
C LEU B 228 1.36 -23.11 5.01
N HIS B 229 1.16 -22.75 3.76
CA HIS B 229 1.29 -23.61 2.62
C HIS B 229 2.47 -22.96 1.97
N GLY B 230 3.04 -23.52 0.90
CA GLY B 230 4.22 -22.83 0.36
C GLY B 230 3.92 -22.24 -0.99
N THR B 231 3.25 -21.08 -1.03
CA THR B 231 2.95 -20.46 -2.32
C THR B 231 4.22 -20.19 -3.11
N ALA B 232 4.13 -20.48 -4.41
CA ALA B 232 5.21 -20.22 -5.37
C ALA B 232 5.27 -18.71 -5.57
N ALA B 233 6.50 -18.19 -5.64
CA ALA B 233 6.74 -16.75 -5.80
C ALA B 233 5.95 -16.06 -6.97
N ALA B 234 5.79 -16.75 -8.10
CA ALA B 234 5.03 -16.15 -9.20
C ALA B 234 3.53 -16.06 -8.87
N ASP B 235 3.01 -17.07 -8.20
CA ASP B 235 1.61 -17.02 -7.81
C ASP B 235 1.31 -15.95 -6.73
N ALA B 236 2.29 -15.71 -5.85
CA ALA B 236 2.22 -14.68 -4.82
C ALA B 236 2.17 -13.26 -5.45
N ARG B 237 3.16 -13.01 -6.33
CA ARG B 237 3.29 -11.85 -7.18
C ARG B 237 2.00 -11.60 -7.92
N ALA B 238 1.44 -12.67 -8.44
CA ALA B 238 0.23 -12.59 -9.21
C ALA B 238 -0.92 -12.17 -8.33
N GLN B 239 -1.04 -12.86 -7.19
CA GLN B 239 -2.01 -12.54 -6.13
C GLN B 239 -1.88 -11.07 -5.73
N LEU B 240 -0.64 -10.66 -5.42
CA LEU B 240 -0.35 -9.27 -5.17
C LEU B 240 -0.86 -8.33 -6.28
N SER B 241 -0.47 -8.59 -7.53
CA SER B 241 -0.86 -7.72 -8.59
C SER B 241 -2.36 -7.78 -8.73
N GLY B 242 -2.89 -8.99 -8.67
CA GLY B 242 -4.28 -9.17 -8.86
C GLY B 242 -5.11 -8.45 -7.84
N THR B 243 -4.63 -8.42 -6.58
CA THR B 243 -5.42 -7.81 -5.50
C THR B 243 -5.58 -6.32 -5.73
N LEU B 244 -4.43 -5.71 -5.98
CA LEU B 244 -4.34 -4.28 -6.23
C LEU B 244 -5.23 -3.91 -7.40
N ILE B 245 -5.13 -4.69 -8.48
CA ILE B 245 -5.89 -4.38 -9.66
C ILE B 245 -7.38 -4.64 -9.41
N GLY B 246 -7.71 -5.71 -8.70
CA GLY B 246 -9.12 -5.97 -8.45
C GLY B 246 -9.72 -4.79 -7.73
N LEU B 247 -8.89 -4.17 -6.88
CA LEU B 247 -9.36 -3.05 -6.03
C LEU B 247 -9.61 -1.81 -6.83
N GLU B 248 -8.63 -1.46 -7.68
CA GLU B 248 -8.87 -0.43 -8.71
C GLU B 248 -10.21 -0.55 -9.44
N ILE B 249 -10.56 -1.76 -9.85
CA ILE B 249 -11.71 -1.86 -10.72
C ILE B 249 -12.97 -1.68 -9.93
N ALA B 250 -13.01 -2.33 -8.78
CA ALA B 250 -14.03 -2.05 -7.78
C ALA B 250 -14.28 -0.58 -7.68
N GLY B 251 -13.21 0.19 -7.51
CA GLY B 251 -13.33 1.62 -7.35
C GLY B 251 -13.76 2.34 -8.62
N ALA B 252 -13.08 2.04 -9.71
CA ALA B 252 -13.53 2.52 -11.02
C ALA B 252 -15.06 2.23 -11.18
N LEU B 253 -15.49 1.02 -10.87
CA LEU B 253 -16.92 0.67 -11.03
C LEU B 253 -17.88 1.13 -9.93
N ALA B 254 -17.43 1.98 -9.01
CA ALA B 254 -18.22 2.22 -7.82
C ALA B 254 -19.62 2.88 -8.05
N SER B 258 -23.75 0.27 -14.33
CA SER B 258 -23.36 -0.59 -15.46
C SER B 258 -22.57 0.15 -16.55
N VAL B 259 -21.40 -0.39 -16.87
CA VAL B 259 -20.63 0.02 -18.04
C VAL B 259 -20.18 -1.29 -18.69
N ASP B 260 -20.04 -1.30 -20.01
CA ASP B 260 -19.91 -2.57 -20.74
C ASP B 260 -18.50 -3.03 -21.18
N GLY B 261 -17.65 -2.12 -21.65
CA GLY B 261 -18.00 -0.74 -21.85
C GLY B 261 -16.85 0.19 -21.51
N VAL B 262 -15.61 -0.34 -21.57
CA VAL B 262 -14.40 0.51 -21.36
C VAL B 262 -13.34 0.43 -22.46
N CYS B 263 -12.66 1.55 -22.66
CA CYS B 263 -11.58 1.69 -23.64
C CYS B 263 -10.22 1.76 -22.97
N LEU B 264 -9.47 0.66 -23.04
CA LEU B 264 -8.15 0.62 -22.44
C LEU B 264 -7.15 1.21 -23.38
N VAL B 265 -6.37 2.19 -22.88
CA VAL B 265 -5.18 2.73 -23.54
C VAL B 265 -4.00 2.20 -22.79
N GLY B 266 -3.13 1.43 -23.44
CA GLY B 266 -1.90 0.97 -22.80
C GLY B 266 -1.05 0.19 -23.75
N SER B 267 0.16 -0.16 -23.31
CA SER B 267 1.04 -0.91 -24.17
C SER B 267 1.55 -2.18 -23.48
N GLY B 268 2.19 -3.07 -24.24
CA GLY B 268 3.06 -4.13 -23.71
C GLY B 268 2.49 -4.93 -22.55
N GLY B 269 3.36 -5.27 -21.58
CA GLY B 269 3.00 -6.19 -20.49
C GLY B 269 1.73 -5.79 -19.74
N LEU B 270 1.81 -4.61 -19.13
CA LEU B 270 0.72 -4.05 -18.34
C LEU B 270 -0.60 -3.94 -19.10
N GLY B 271 -0.50 -3.63 -20.39
CA GLY B 271 -1.68 -3.56 -21.25
C GLY B 271 -2.40 -4.89 -21.28
N THR B 272 -1.65 -5.97 -21.52
CA THR B 272 -2.19 -7.34 -21.55
C THR B 272 -2.85 -7.61 -20.19
N LEU B 273 -2.03 -7.60 -19.14
CA LEU B 273 -2.50 -7.68 -17.74
C LEU B 273 -3.84 -6.99 -17.45
N TYR B 274 -4.02 -5.75 -17.88
CA TYR B 274 -5.30 -5.08 -17.64
C TYR B 274 -6.49 -5.57 -18.47
N ARG B 275 -6.24 -6.00 -19.72
CA ARG B 275 -7.37 -6.42 -20.60
C ARG B 275 -7.83 -7.70 -19.99
N THR B 276 -6.83 -8.49 -19.60
CA THR B 276 -7.05 -9.78 -18.96
C THR B 276 -7.90 -9.55 -17.70
N ALA B 277 -7.44 -8.62 -16.89
CA ALA B 277 -8.11 -8.34 -15.66
C ALA B 277 -9.49 -7.75 -15.91
N LEU B 278 -9.61 -6.88 -16.90
CA LEU B 278 -10.91 -6.23 -17.16
C LEU B 278 -12.01 -7.16 -17.77
N GLU B 279 -11.58 -8.07 -18.65
CA GLU B 279 -12.53 -8.99 -19.25
C GLU B 279 -13.08 -9.92 -18.19
N SER B 280 -12.18 -10.51 -17.40
CA SER B 280 -12.57 -11.37 -16.26
C SER B 280 -13.69 -10.75 -15.43
N GLN B 281 -13.79 -9.41 -15.40
CA GLN B 281 -14.88 -8.78 -14.65
C GLN B 281 -16.08 -8.44 -15.51
N GLY B 282 -16.08 -8.98 -16.73
CA GLY B 282 -17.21 -8.90 -17.63
C GLY B 282 -17.34 -7.60 -18.41
N LEU B 283 -16.20 -7.00 -18.73
CA LEU B 283 -16.17 -5.79 -19.55
C LEU B 283 -15.57 -6.01 -20.93
N ASN B 284 -16.16 -5.34 -21.91
CA ASN B 284 -15.57 -5.22 -23.26
C ASN B 284 -14.42 -4.24 -23.23
N VAL B 285 -13.34 -4.62 -23.89
CA VAL B 285 -12.16 -3.82 -23.97
C VAL B 285 -11.79 -3.50 -25.43
N ARG B 286 -12.21 -2.31 -25.89
CA ARG B 286 -11.63 -1.64 -27.06
C ARG B 286 -10.28 -1.06 -26.68
N ALA B 287 -9.17 -1.75 -26.98
CA ALA B 287 -7.80 -1.30 -26.67
C ALA B 287 -7.19 -0.28 -27.67
N VAL B 288 -6.21 0.51 -27.22
CA VAL B 288 -5.55 1.57 -28.00
C VAL B 288 -4.08 1.67 -27.60
N ASP B 289 -3.16 1.72 -28.56
CA ASP B 289 -1.76 1.60 -28.18
C ASP B 289 -1.38 2.88 -27.46
N ALA B 290 -0.52 2.75 -26.45
CA ALA B 290 -0.20 3.86 -25.55
C ALA B 290 0.67 4.87 -26.25
N ASP B 291 1.78 4.39 -26.81
CA ASP B 291 2.69 5.28 -27.54
C ASP B 291 2.08 5.82 -28.88
N GLU B 292 1.23 5.06 -29.54
CA GLU B 292 0.58 5.67 -30.69
C GLU B 292 -0.26 6.89 -30.27
N ALA B 293 -0.95 6.82 -29.13
CA ALA B 293 -1.71 7.97 -28.61
C ALA B 293 -0.86 9.16 -28.13
N VAL B 294 0.33 8.93 -27.56
CA VAL B 294 1.18 10.07 -27.19
C VAL B 294 1.77 10.74 -28.39
N ARG B 295 2.41 9.97 -29.30
CA ARG B 295 2.99 10.59 -30.49
C ARG B 295 1.89 11.43 -31.18
N ALA B 296 0.66 10.92 -31.14
CA ALA B 296 -0.40 11.62 -31.81
C ALA B 296 -0.79 12.88 -31.08
N GLY B 297 -0.71 12.85 -29.75
CA GLY B 297 -1.11 13.97 -28.94
C GLY B 297 -0.03 15.02 -29.06
N LEU B 298 1.23 14.62 -28.99
CA LEU B 298 2.27 15.58 -29.25
C LEU B 298 2.22 16.11 -30.70
N SER B 299 1.76 15.31 -31.65
CA SER B 299 1.66 15.80 -33.04
C SER B 299 0.58 16.89 -33.18
N ALA B 300 -0.60 16.66 -32.62
CA ALA B 300 -1.66 17.66 -32.75
C ALA B 300 -1.27 19.01 -32.11
N ALA B 301 -0.40 18.97 -31.08
CA ALA B 301 0.08 20.18 -30.44
C ALA B 301 1.12 20.89 -31.30
N ALA B 302 2.13 20.15 -31.72
CA ALA B 302 3.12 20.64 -32.68
C ALA B 302 2.51 21.25 -33.95
N ARG B 303 1.53 20.59 -34.57
CA ARG B 303 0.96 21.13 -35.82
C ARG B 303 0.34 22.48 -35.48
N ALA B 304 -0.13 22.63 -34.24
CA ALA B 304 -0.94 23.81 -33.83
C ALA B 304 -0.11 25.05 -33.49
N ILE B 305 1.11 24.88 -33.03
CA ILE B 305 1.83 26.07 -32.69
C ILE B 305 2.89 26.40 -33.73
N TRP B 306 3.28 25.37 -34.48
CA TRP B 306 4.22 25.58 -35.60
C TRP B 306 3.59 25.03 -36.87
N PRO B 307 2.45 25.61 -37.29
CA PRO B 307 1.79 25.09 -38.49
C PRO B 307 2.74 25.25 -39.65
N LEU B 308 2.72 24.32 -40.57
CA LEU B 308 3.67 24.39 -41.66
C LEU B 308 3.10 25.20 -42.86
N ALA B 309 3.99 25.78 -43.66
CA ALA B 309 3.59 26.38 -44.96
C ALA B 309 2.93 25.29 -45.87
N GLU B 310 1.62 25.45 -46.12
CA GLU B 310 0.87 24.58 -47.05
C GLU B 310 1.25 24.80 -48.58
N ASN B 311 0.92 23.85 -49.45
CA ASN B 311 0.87 24.10 -50.91
C ASN B 311 -0.56 24.45 -51.23
N LEU B 312 -0.77 25.65 -51.77
CA LEU B 312 -2.11 26.14 -51.95
C LEU B 312 -2.92 25.25 -52.89
N TYR B 313 -2.23 24.57 -53.82
CA TYR B 313 -2.85 23.66 -54.78
C TYR B 313 -3.16 22.25 -54.26
N PHE B 314 -2.71 21.95 -53.05
CA PHE B 314 -3.01 20.65 -52.42
C PHE B 314 -4.02 20.77 -51.25
N GLN B 315 -4.24 19.69 -50.50
CA GLN B 315 -5.15 19.78 -49.33
C GLN B 315 -4.47 19.37 -48.02
#